data_1UWC
#
_entry.id   1UWC
#
_cell.length_a   38.759
_cell.length_b   40.182
_cell.length_c   77.953
_cell.angle_alpha   74.96
_cell.angle_beta   78.63
_cell.angle_gamma   71.10
#
_symmetry.space_group_name_H-M   'P 1'
#
loop_
_entity.id
_entity.type
_entity.pdbx_description
1 polymer 'FERULOYL ESTERASE A'
2 non-polymer 2-acetamido-2-deoxy-beta-D-glucopyranose
3 non-polymer '3-(4-HYDROXY-3-METHOXYPHENYL)-2-PROPENOIC ACID'
4 non-polymer 'SULFATE ION'
5 water water
#
_entity_poly.entity_id   1
_entity_poly.type   'polypeptide(L)'
_entity_poly.pdbx_seq_one_letter_code
;ASTQGISEDLYNRLVEMATISQAAYADLCNIPSTIIKGEKIYNAQTDINGWILRDDTSKEIITVFRGTGSDTNLQLDTNY
TLTPFDTLPQCNDCEVHGGYYIGWISVQDQVESLVKQQASQYPDYALTVTGHSLGASMAALTAAQLSATYDNVRLYTFGE
PRSGNQAFASYMNDAFQVSSPETTQYFRVTHSNDGIPNLPPAEQGYAHGGVEYWSVDPYSAQNTFVCTGDEVQCCEAQGG
QGVNDAHTTYFGMTSGACTWV
;
_entity_poly.pdbx_strand_id   A,B
#
# COMPACT_ATOMS: atom_id res chain seq x y z
N ALA A 1 -1.21 -27.52 -9.17
CA ALA A 1 -0.53 -27.11 -7.91
C ALA A 1 -0.88 -25.64 -7.62
N SER A 2 -0.69 -25.30 -6.35
CA SER A 2 -0.66 -23.93 -5.89
C SER A 2 0.60 -23.81 -5.01
N THR A 3 1.72 -23.37 -5.58
CA THR A 3 3.05 -23.39 -4.94
C THR A 3 3.42 -21.99 -4.43
N GLN A 4 3.73 -21.90 -3.13
CA GLN A 4 4.12 -20.65 -2.52
C GLN A 4 5.56 -20.20 -2.92
N GLY A 5 5.66 -18.94 -3.35
CA GLY A 5 6.92 -18.24 -3.56
C GLY A 5 7.44 -18.24 -4.99
N ILE A 6 7.94 -17.07 -5.44
CA ILE A 6 8.65 -16.92 -6.73
C ILE A 6 10.01 -16.24 -6.50
N SER A 7 10.86 -16.28 -7.52
CA SER A 7 12.20 -15.64 -7.46
C SER A 7 12.08 -14.10 -7.42
N GLU A 8 13.14 -13.46 -6.92
CA GLU A 8 13.24 -11.98 -6.96
C GLU A 8 13.27 -11.44 -8.39
N ASP A 9 13.96 -12.14 -9.28
CA ASP A 9 14.01 -11.70 -10.67
C ASP A 9 12.61 -11.71 -11.32
N LEU A 10 11.87 -12.81 -11.15
CA LEU A 10 10.52 -12.89 -11.72
C LEU A 10 9.60 -11.84 -11.06
N TYR A 11 9.65 -11.71 -9.74
CA TYR A 11 8.84 -10.68 -9.06
C TYR A 11 9.13 -9.30 -9.66
N ASN A 12 10.40 -8.94 -9.85
CA ASN A 12 10.75 -7.62 -10.43
C ASN A 12 10.15 -7.42 -11.82
N ARG A 13 10.17 -8.49 -12.61
CA ARG A 13 9.57 -8.45 -13.96
C ARG A 13 8.02 -8.26 -13.94
N LEU A 14 7.34 -8.97 -13.05
CA LEU A 14 5.89 -8.81 -12.89
C LEU A 14 5.55 -7.36 -12.44
N VAL A 15 6.32 -6.81 -11.48
CA VAL A 15 6.10 -5.43 -11.02
C VAL A 15 6.36 -4.44 -12.17
N GLU A 16 7.40 -4.64 -12.99
CA GLU A 16 7.67 -3.76 -14.14
C GLU A 16 6.47 -3.72 -15.12
N MET A 17 5.96 -4.91 -15.51
CA MET A 17 4.84 -4.97 -16.47
C MET A 17 3.54 -4.42 -15.83
N ALA A 18 3.34 -4.62 -14.51
CA ALA A 18 2.19 -4.00 -13.82
C ALA A 18 2.28 -2.47 -13.87
N THR A 19 3.51 -1.95 -13.69
CA THR A 19 3.73 -0.48 -13.72
C THR A 19 3.30 0.10 -15.11
N ILE A 20 3.80 -0.54 -16.17
CA ILE A 20 3.43 -0.12 -17.54
C ILE A 20 1.91 -0.15 -17.73
N SER A 21 1.27 -1.25 -17.29
CA SER A 21 -0.19 -1.42 -17.44
C SER A 21 -0.99 -0.35 -16.67
N GLN A 22 -0.58 -0.06 -15.43
CA GLN A 22 -1.29 0.94 -14.61
C GLN A 22 -1.00 2.41 -15.08
N ALA A 23 0.18 2.63 -15.68
CA ALA A 23 0.55 3.94 -16.22
C ALA A 23 -0.23 4.24 -17.52
N ALA A 24 -0.73 3.20 -18.21
CA ALA A 24 -1.50 3.40 -19.45
C ALA A 24 -2.82 4.17 -19.23
N TYR A 25 -3.28 4.29 -17.98
CA TYR A 25 -4.46 5.07 -17.62
C TYR A 25 -4.15 6.59 -17.47
N ALA A 26 -2.87 6.98 -17.47
CA ALA A 26 -2.46 8.39 -17.28
C ALA A 26 -1.31 8.78 -18.23
N ASP A 27 -1.48 8.48 -19.53
CA ASP A 27 -0.55 8.94 -20.56
C ASP A 27 0.93 8.49 -20.25
N LEU A 28 1.05 7.26 -19.70
CA LEU A 28 2.35 6.58 -19.46
C LEU A 28 3.27 7.33 -18.44
N CYS A 29 2.67 7.89 -17.40
CA CYS A 29 3.42 8.53 -16.32
C CYS A 29 4.46 7.56 -15.69
N ASN A 30 5.71 8.06 -15.55
CA ASN A 30 6.74 7.37 -14.77
C ASN A 30 6.97 5.90 -15.18
N ILE A 31 6.93 5.60 -16.47
CA ILE A 31 7.35 4.26 -16.90
C ILE A 31 8.87 4.15 -16.80
N PRO A 32 9.40 2.92 -16.81
CA PRO A 32 10.84 2.76 -16.73
C PRO A 32 11.63 3.58 -17.70
N SER A 33 12.73 4.03 -17.16
CA SER A 33 13.72 4.76 -17.84
C SER A 33 14.31 4.02 -19.02
N THR A 34 14.23 2.67 -19.07
CA THR A 34 14.79 1.88 -20.21
C THR A 34 13.89 1.88 -21.44
N ILE A 35 12.83 2.68 -21.40
CA ILE A 35 11.86 2.55 -22.48
C ILE A 35 11.74 3.80 -23.36
N ILE A 36 11.74 3.58 -24.68
CA ILE A 36 11.43 4.62 -25.69
C ILE A 36 9.92 4.48 -26.04
N LYS A 37 9.16 5.57 -25.90
CA LYS A 37 7.73 5.62 -26.24
C LYS A 37 7.57 5.83 -27.75
N GLY A 38 6.82 4.92 -28.39
CA GLY A 38 6.44 5.05 -29.79
C GLY A 38 5.00 5.55 -29.97
N GLU A 39 4.37 5.18 -31.09
CA GLU A 39 3.09 5.75 -31.51
C GLU A 39 1.92 5.30 -30.61
N LYS A 40 0.97 6.23 -30.45
CA LYS A 40 -0.32 5.95 -29.83
C LYS A 40 -1.25 5.12 -30.74
N ILE A 41 -1.93 4.14 -30.12
CA ILE A 41 -3.01 3.32 -30.74
C ILE A 41 -4.36 3.85 -30.21
N TYR A 42 -5.33 4.14 -31.11
CA TYR A 42 -6.61 4.71 -30.65
C TYR A 42 -7.71 4.45 -31.72
N ASN A 43 -8.89 4.04 -31.25
CA ASN A 43 -10.10 4.02 -32.11
C ASN A 43 -11.23 4.77 -31.40
N ALA A 44 -11.89 5.65 -32.18
CA ALA A 44 -12.95 6.54 -31.66
C ALA A 44 -14.29 5.86 -31.35
N GLN A 45 -14.63 4.76 -32.06
CA GLN A 45 -15.89 4.06 -31.81
C GLN A 45 -15.89 3.24 -30.51
N THR A 46 -14.75 2.61 -30.21
CA THR A 46 -14.62 1.71 -29.06
C THR A 46 -13.89 2.34 -27.87
N ASP A 47 -13.23 3.47 -28.08
CA ASP A 47 -12.34 4.11 -27.06
C ASP A 47 -11.26 3.12 -26.56
N ILE A 48 -10.76 2.24 -27.45
CA ILE A 48 -9.55 1.48 -27.11
C ILE A 48 -8.33 2.40 -27.24
N ASN A 49 -7.52 2.42 -26.15
CA ASN A 49 -6.27 3.21 -26.06
C ASN A 49 -5.06 2.30 -25.75
N GLY A 50 -3.94 2.50 -26.45
CA GLY A 50 -2.70 1.76 -26.18
C GLY A 50 -1.50 2.46 -26.80
N TRP A 51 -0.33 1.84 -26.68
CA TRP A 51 0.93 2.36 -27.26
C TRP A 51 1.85 1.20 -27.67
N ILE A 52 2.72 1.50 -28.65
CA ILE A 52 3.90 0.68 -28.92
C ILE A 52 5.12 1.37 -28.24
N LEU A 53 5.98 0.55 -27.62
CA LEU A 53 7.16 0.95 -26.82
C LEU A 53 8.35 0.06 -27.22
N ARG A 54 9.57 0.49 -26.90
CA ARG A 54 10.78 -0.34 -27.14
C ARG A 54 11.76 -0.21 -25.99
N ASP A 55 12.26 -1.37 -25.50
CA ASP A 55 13.32 -1.46 -24.47
C ASP A 55 14.56 -2.07 -25.14
N ASP A 56 15.56 -1.22 -25.42
CA ASP A 56 16.76 -1.68 -26.13
C ASP A 56 17.62 -2.53 -25.16
N THR A 57 17.63 -2.20 -23.89
CA THR A 57 18.40 -2.94 -22.90
C THR A 57 18.02 -4.45 -22.85
N SER A 58 16.73 -4.72 -22.76
CA SER A 58 16.22 -6.09 -22.76
C SER A 58 15.80 -6.65 -24.12
N LYS A 59 16.04 -5.90 -25.19
CA LYS A 59 15.76 -6.29 -26.58
C LYS A 59 14.31 -6.79 -26.77
N GLU A 60 13.36 -5.90 -26.45
CA GLU A 60 11.93 -6.20 -26.62
C GLU A 60 11.14 -5.00 -27.12
N ILE A 61 10.19 -5.30 -27.99
CA ILE A 61 9.14 -4.38 -28.49
C ILE A 61 7.88 -4.67 -27.69
N ILE A 62 7.40 -3.69 -26.90
CA ILE A 62 6.25 -3.87 -25.96
C ILE A 62 5.01 -3.14 -26.47
N THR A 63 3.87 -3.84 -26.52
CA THR A 63 2.56 -3.26 -26.83
C THR A 63 1.74 -3.30 -25.54
N VAL A 64 1.22 -2.13 -25.11
CA VAL A 64 0.37 -2.03 -23.88
C VAL A 64 -1.01 -1.48 -24.25
N PHE A 65 -2.05 -2.02 -23.62
CA PHE A 65 -3.42 -1.49 -23.71
C PHE A 65 -3.91 -1.02 -22.34
N ARG A 66 -4.58 0.16 -22.32
CA ARG A 66 -5.34 0.63 -21.13
C ARG A 66 -6.60 -0.24 -20.91
N GLY A 67 -6.93 -0.51 -19.64
CA GLY A 67 -8.23 -1.06 -19.28
C GLY A 67 -9.36 -0.02 -19.31
N THR A 68 -10.46 -0.35 -18.63
CA THR A 68 -11.70 0.45 -18.79
C THR A 68 -11.53 1.88 -18.23
N GLY A 69 -11.86 2.86 -19.07
CA GLY A 69 -11.73 4.29 -18.75
C GLY A 69 -12.88 5.16 -19.26
N SER A 70 -14.03 4.54 -19.61
CA SER A 70 -15.15 5.24 -20.22
C SER A 70 -16.42 4.39 -20.19
N ASP A 71 -17.57 5.06 -20.38
CA ASP A 71 -18.83 4.37 -20.61
C ASP A 71 -18.80 3.43 -21.84
N THR A 72 -18.15 3.85 -22.91
CA THR A 72 -18.03 2.99 -24.10
C THR A 72 -17.27 1.70 -23.78
N ASN A 73 -16.15 1.82 -23.05
CA ASN A 73 -15.42 0.60 -22.64
C ASN A 73 -16.32 -0.29 -21.72
N LEU A 74 -17.13 0.29 -20.81
CA LEU A 74 -18.05 -0.52 -19.98
C LEU A 74 -19.10 -1.27 -20.80
N GLN A 75 -19.57 -0.69 -21.92
CA GLN A 75 -20.45 -1.41 -22.84
C GLN A 75 -19.76 -2.66 -23.43
N LEU A 76 -18.54 -2.51 -23.88
CA LEU A 76 -17.77 -3.64 -24.40
C LEU A 76 -17.66 -4.72 -23.31
N ASP A 77 -17.31 -4.32 -22.07
CA ASP A 77 -17.09 -5.28 -20.97
C ASP A 77 -18.24 -6.29 -20.83
N THR A 78 -19.50 -5.83 -21.00
CA THR A 78 -20.66 -6.67 -20.69
C THR A 78 -21.27 -7.38 -21.91
N ASN A 79 -20.63 -7.31 -23.08
CA ASN A 79 -21.03 -8.18 -24.22
C ASN A 79 -20.32 -9.53 -24.07
N TYR A 80 -21.04 -10.46 -23.42
CA TYR A 80 -20.54 -11.81 -23.12
C TYR A 80 -20.87 -12.84 -24.22
N THR A 81 -21.40 -12.40 -25.37
CA THR A 81 -21.67 -13.35 -26.47
C THR A 81 -20.33 -13.89 -27.01
N LEU A 82 -20.20 -15.22 -27.16
CA LEU A 82 -18.98 -15.81 -27.75
C LEU A 82 -19.00 -15.59 -29.26
N THR A 83 -17.84 -15.23 -29.82
CA THR A 83 -17.69 -14.94 -31.27
C THR A 83 -16.51 -15.76 -31.86
N PRO A 84 -16.65 -16.42 -33.01
CA PRO A 84 -15.50 -17.11 -33.62
C PRO A 84 -14.29 -16.19 -33.83
N PHE A 85 -13.08 -16.68 -33.47
CA PHE A 85 -11.85 -15.84 -33.54
C PHE A 85 -11.26 -15.97 -34.96
N ASP A 86 -11.93 -15.32 -35.93
CA ASP A 86 -11.60 -15.55 -37.35
C ASP A 86 -10.26 -14.93 -37.76
N THR A 87 -9.70 -14.08 -36.87
CA THR A 87 -8.30 -13.63 -36.93
C THR A 87 -7.32 -14.78 -37.16
N LEU A 88 -7.56 -15.89 -36.49
CA LEU A 88 -6.70 -17.10 -36.60
C LEU A 88 -7.52 -18.27 -37.12
N PRO A 89 -7.58 -18.48 -38.44
CA PRO A 89 -8.35 -19.63 -38.95
C PRO A 89 -7.84 -21.00 -38.48
N GLN A 90 -6.57 -21.06 -38.12
CA GLN A 90 -5.94 -22.28 -37.62
C GLN A 90 -6.25 -22.57 -36.14
N CYS A 91 -6.97 -21.67 -35.46
CA CYS A 91 -7.39 -21.85 -34.05
C CYS A 91 -8.75 -22.55 -34.12
N ASN A 92 -8.70 -23.89 -34.10
CA ASN A 92 -9.86 -24.75 -34.32
C ASN A 92 -10.96 -24.56 -33.29
N ASP A 93 -12.11 -24.06 -33.75
CA ASP A 93 -13.28 -23.88 -32.88
C ASP A 93 -13.04 -22.85 -31.78
N CYS A 94 -12.03 -22.00 -31.97
CA CYS A 94 -11.76 -20.95 -30.97
C CYS A 94 -12.81 -19.83 -31.04
N GLU A 95 -13.30 -19.43 -29.87
CA GLU A 95 -14.25 -18.30 -29.72
C GLU A 95 -13.74 -17.40 -28.57
N VAL A 96 -14.03 -16.10 -28.72
CA VAL A 96 -13.57 -15.04 -27.78
C VAL A 96 -14.76 -14.20 -27.28
N HIS A 97 -14.54 -13.54 -26.13
CA HIS A 97 -15.46 -12.55 -25.56
C HIS A 97 -15.86 -11.55 -26.67
N GLY A 98 -17.16 -11.36 -26.85
CA GLY A 98 -17.65 -10.64 -28.03
C GLY A 98 -17.29 -9.15 -27.99
N GLY A 99 -17.42 -8.50 -26.83
CA GLY A 99 -17.03 -7.10 -26.70
C GLY A 99 -15.56 -6.87 -26.96
N TYR A 100 -14.71 -7.70 -26.35
CA TYR A 100 -13.26 -7.54 -26.58
C TYR A 100 -12.84 -7.83 -28.04
N TYR A 101 -13.60 -8.70 -28.73
CA TYR A 101 -13.30 -8.92 -30.16
C TYR A 101 -13.61 -7.65 -30.97
N ILE A 102 -14.72 -6.94 -30.67
CA ILE A 102 -14.96 -5.64 -31.34
C ILE A 102 -13.78 -4.68 -31.05
N GLY A 103 -13.36 -4.62 -29.77
CA GLY A 103 -12.23 -3.77 -29.46
C GLY A 103 -10.97 -4.09 -30.27
N TRP A 104 -10.60 -5.37 -30.32
CA TRP A 104 -9.46 -5.86 -31.11
C TRP A 104 -9.59 -5.46 -32.61
N ILE A 105 -10.72 -5.78 -33.25
CA ILE A 105 -10.88 -5.44 -34.69
C ILE A 105 -10.74 -3.92 -34.93
N SER A 106 -11.25 -3.11 -33.98
CA SER A 106 -11.24 -1.65 -34.11
C SER A 106 -9.81 -1.04 -34.12
N VAL A 107 -8.80 -1.77 -33.59
CA VAL A 107 -7.40 -1.30 -33.60
C VAL A 107 -6.44 -2.24 -34.34
N GLN A 108 -6.91 -3.39 -34.86
CA GLN A 108 -6.01 -4.40 -35.42
C GLN A 108 -5.03 -3.82 -36.47
N ASP A 109 -5.54 -3.00 -37.40
CA ASP A 109 -4.68 -2.55 -38.50
C ASP A 109 -3.54 -1.64 -37.96
N GLN A 110 -3.85 -0.81 -36.95
CA GLN A 110 -2.83 0.02 -36.28
C GLN A 110 -1.80 -0.85 -35.56
N VAL A 111 -2.26 -1.81 -34.73
CA VAL A 111 -1.35 -2.66 -33.97
C VAL A 111 -0.40 -3.40 -34.94
N GLU A 112 -0.97 -4.04 -35.95
CA GLU A 112 -0.18 -4.90 -36.83
C GLU A 112 0.82 -4.06 -37.66
N SER A 113 0.41 -2.90 -38.16
CA SER A 113 1.33 -2.06 -38.97
C SER A 113 2.46 -1.52 -38.09
N LEU A 114 2.15 -1.05 -36.89
CA LEU A 114 3.18 -0.47 -36.01
C LEU A 114 4.18 -1.53 -35.50
N VAL A 115 3.65 -2.71 -35.11
CA VAL A 115 4.52 -3.82 -34.73
C VAL A 115 5.41 -4.25 -35.91
N LYS A 116 4.85 -4.37 -37.11
CA LYS A 116 5.67 -4.74 -38.29
C LYS A 116 6.80 -3.73 -38.52
N GLN A 117 6.49 -2.46 -38.39
CA GLN A 117 7.52 -1.43 -38.59
C GLN A 117 8.70 -1.59 -37.60
N GLN A 118 8.41 -1.78 -36.30
CA GLN A 118 9.48 -2.02 -35.29
C GLN A 118 10.21 -3.32 -35.56
N ALA A 119 9.48 -4.42 -35.76
CA ALA A 119 10.09 -5.73 -35.91
C ALA A 119 10.99 -5.81 -37.16
N SER A 120 10.62 -5.11 -38.24
CA SER A 120 11.43 -5.07 -39.47
C SER A 120 12.81 -4.39 -39.22
N GLN A 121 12.87 -3.41 -38.33
CA GLN A 121 14.10 -2.67 -38.02
C GLN A 121 14.93 -3.35 -36.92
N TYR A 122 14.25 -4.07 -36.01
CA TYR A 122 14.87 -4.74 -34.86
C TYR A 122 14.46 -6.23 -34.92
N PRO A 123 14.87 -6.96 -35.99
CA PRO A 123 14.30 -8.31 -36.23
C PRO A 123 14.70 -9.38 -35.22
N ASP A 124 15.72 -9.09 -34.40
CA ASP A 124 16.12 -9.96 -33.28
C ASP A 124 15.46 -9.63 -31.91
N TYR A 125 14.63 -8.60 -31.83
CA TYR A 125 13.95 -8.29 -30.58
C TYR A 125 12.74 -9.22 -30.35
N ALA A 126 12.50 -9.57 -29.10
CA ALA A 126 11.25 -10.26 -28.67
C ALA A 126 10.07 -9.30 -28.76
N LEU A 127 8.84 -9.87 -28.80
CA LEU A 127 7.59 -9.06 -28.77
C LEU A 127 6.86 -9.40 -27.48
N THR A 128 6.55 -8.39 -26.67
CA THR A 128 5.84 -8.55 -25.40
C THR A 128 4.54 -7.76 -25.42
N VAL A 129 3.47 -8.32 -24.87
CA VAL A 129 2.17 -7.62 -24.85
C VAL A 129 1.67 -7.62 -23.39
N THR A 130 1.08 -6.49 -22.94
CA THR A 130 0.62 -6.37 -21.54
C THR A 130 -0.61 -5.45 -21.42
N GLY A 131 -1.33 -5.59 -20.30
CA GLY A 131 -2.43 -4.69 -19.92
C GLY A 131 -3.18 -5.22 -18.68
N HIS A 132 -4.05 -4.35 -18.15
CA HIS A 132 -4.85 -4.58 -16.92
C HIS A 132 -6.36 -4.61 -17.26
N SER A 133 -7.06 -5.67 -16.76
CA SER A 133 -8.54 -5.82 -16.81
C SER A 133 -9.01 -5.83 -18.31
N LEU A 134 -9.83 -4.91 -18.79
CA LEU A 134 -10.15 -4.91 -20.24
C LEU A 134 -8.86 -4.90 -21.08
N GLY A 135 -7.83 -4.16 -20.64
CA GLY A 135 -6.58 -4.11 -21.39
C GLY A 135 -5.82 -5.43 -21.43
N ALA A 136 -6.02 -6.27 -20.40
CA ALA A 136 -5.47 -7.63 -20.33
C ALA A 136 -6.08 -8.54 -21.41
N SER A 137 -7.41 -8.47 -21.60
CA SER A 137 -8.06 -9.28 -22.67
C SER A 137 -7.64 -8.75 -24.07
N MET A 138 -7.53 -7.41 -24.23
CA MET A 138 -6.97 -6.85 -25.49
C MET A 138 -5.56 -7.40 -25.73
N ALA A 139 -4.75 -7.49 -24.66
CA ALA A 139 -3.41 -8.03 -24.79
C ALA A 139 -3.38 -9.52 -25.19
N ALA A 140 -4.30 -10.32 -24.63
CA ALA A 140 -4.41 -11.75 -24.95
C ALA A 140 -4.76 -11.98 -26.43
N LEU A 141 -5.79 -11.29 -26.94
CA LEU A 141 -6.16 -11.43 -28.37
C LEU A 141 -5.00 -11.00 -29.28
N THR A 142 -4.33 -9.89 -28.94
CA THR A 142 -3.18 -9.37 -29.72
C THR A 142 -2.04 -10.40 -29.74
N ALA A 143 -1.68 -10.90 -28.55
CA ALA A 143 -0.56 -11.85 -28.42
C ALA A 143 -0.85 -13.15 -29.18
N ALA A 144 -2.10 -13.61 -29.18
CA ALA A 144 -2.48 -14.77 -29.99
C ALA A 144 -2.15 -14.52 -31.47
N GLN A 145 -2.57 -13.38 -32.02
CA GLN A 145 -2.29 -13.05 -33.43
C GLN A 145 -0.75 -12.97 -33.69
N LEU A 146 -0.03 -12.26 -32.81
CA LEU A 146 1.43 -12.09 -33.01
C LEU A 146 2.17 -13.44 -32.96
N SER A 147 1.70 -14.36 -32.10
CA SER A 147 2.36 -15.68 -31.93
C SER A 147 2.33 -16.50 -33.19
N ALA A 148 1.35 -16.26 -34.06
CA ALA A 148 1.23 -16.97 -35.34
C ALA A 148 2.13 -16.36 -36.43
N THR A 149 2.71 -15.18 -36.15
CA THR A 149 3.43 -14.30 -37.11
C THR A 149 4.93 -14.13 -36.81
N TYR A 150 5.31 -14.22 -35.52
CA TYR A 150 6.65 -13.89 -35.04
C TYR A 150 7.15 -14.93 -34.04
N ASP A 151 8.46 -15.01 -33.86
CA ASP A 151 9.08 -15.76 -32.74
C ASP A 151 9.14 -14.91 -31.45
N ASN A 152 9.30 -15.57 -30.32
CA ASN A 152 9.56 -14.92 -29.09
C ASN A 152 8.52 -13.91 -28.72
N VAL A 153 7.27 -14.39 -28.67
CA VAL A 153 6.16 -13.60 -28.18
C VAL A 153 5.86 -13.96 -26.71
N ARG A 154 5.69 -12.93 -25.86
CA ARG A 154 5.41 -13.07 -24.40
C ARG A 154 4.17 -12.23 -24.03
N LEU A 155 3.44 -12.68 -22.99
CA LEU A 155 2.17 -12.08 -22.57
C LEU A 155 2.18 -11.98 -21.04
N TYR A 156 2.04 -10.76 -20.53
CA TYR A 156 1.88 -10.50 -19.06
C TYR A 156 0.53 -9.81 -18.87
N THR A 157 -0.43 -10.45 -18.17
CA THR A 157 -1.75 -9.84 -17.93
C THR A 157 -2.00 -9.64 -16.44
N PHE A 158 -2.81 -8.64 -16.10
CA PHE A 158 -3.13 -8.31 -14.69
C PHE A 158 -4.65 -8.19 -14.53
N GLY A 159 -5.25 -9.03 -13.67
CA GLY A 159 -6.71 -8.97 -13.48
C GLY A 159 -7.53 -9.30 -14.75
N GLU A 160 -7.01 -10.22 -15.57
CA GLU A 160 -7.62 -10.57 -16.86
C GLU A 160 -8.98 -11.29 -16.67
N PRO A 161 -10.05 -10.84 -17.39
CA PRO A 161 -11.29 -11.65 -17.55
C PRO A 161 -10.98 -13.00 -18.19
N ARG A 162 -11.98 -13.89 -18.20
CA ARG A 162 -11.91 -15.06 -19.07
C ARG A 162 -12.09 -14.55 -20.55
N SER A 163 -11.01 -14.68 -21.37
CA SER A 163 -10.97 -14.03 -22.67
C SER A 163 -11.70 -14.78 -23.80
N GLY A 164 -12.00 -16.07 -23.58
CA GLY A 164 -12.64 -16.89 -24.60
C GLY A 164 -12.99 -18.28 -24.07
N ASN A 165 -13.20 -19.23 -25.00
CA ASN A 165 -13.63 -20.59 -24.66
C ASN A 165 -12.39 -21.49 -24.38
N GLN A 166 -12.65 -22.76 -24.03
CA GLN A 166 -11.54 -23.69 -23.75
C GLN A 166 -10.64 -23.96 -24.98
N ALA A 167 -11.21 -24.02 -26.18
CA ALA A 167 -10.36 -24.18 -27.38
C ALA A 167 -9.34 -23.03 -27.51
N PHE A 168 -9.79 -21.79 -27.25
CA PHE A 168 -8.85 -20.64 -27.31
C PHE A 168 -7.79 -20.75 -26.19
N ALA A 169 -8.22 -21.09 -24.97
CA ALA A 169 -7.28 -21.25 -23.84
C ALA A 169 -6.20 -22.31 -24.17
N SER A 170 -6.61 -23.46 -24.74
CA SER A 170 -5.64 -24.52 -25.08
C SER A 170 -4.71 -24.17 -26.23
N TYR A 171 -5.19 -23.42 -27.22
CA TYR A 171 -4.32 -22.86 -28.26
C TYR A 171 -3.22 -21.99 -27.62
N MET A 172 -3.62 -21.10 -26.72
CA MET A 172 -2.65 -20.24 -26.01
C MET A 172 -1.69 -21.07 -25.13
N ASN A 173 -2.21 -22.10 -24.46
CA ASN A 173 -1.33 -22.92 -23.62
C ASN A 173 -0.21 -23.57 -24.46
N ASP A 174 -0.56 -24.08 -25.64
CA ASP A 174 0.43 -24.67 -26.55
C ASP A 174 1.43 -23.60 -27.08
N ALA A 175 0.90 -22.47 -27.58
CA ALA A 175 1.72 -21.42 -28.23
C ALA A 175 2.67 -20.71 -27.26
N PHE A 176 2.34 -20.75 -25.95
CA PHE A 176 3.13 -20.04 -24.90
C PHE A 176 3.79 -20.99 -23.91
N GLN A 177 3.90 -22.27 -24.25
CA GLN A 177 4.66 -23.24 -23.41
C GLN A 177 4.24 -23.28 -21.93
N VAL A 178 2.92 -23.23 -21.73
CA VAL A 178 2.32 -23.17 -20.40
C VAL A 178 2.47 -24.46 -19.58
N SER A 179 2.85 -25.57 -20.23
CA SER A 179 2.91 -26.88 -19.54
C SER A 179 3.90 -26.95 -18.38
N SER A 180 4.82 -25.98 -18.24
CA SER A 180 5.67 -25.89 -17.04
C SER A 180 5.87 -24.42 -16.64
N PRO A 181 5.86 -24.09 -15.35
CA PRO A 181 6.27 -22.71 -14.96
C PRO A 181 7.73 -22.36 -15.39
N GLU A 182 8.58 -23.36 -15.61
CA GLU A 182 9.94 -23.09 -16.06
C GLU A 182 10.03 -22.65 -17.52
N THR A 183 9.02 -22.97 -18.35
CA THR A 183 9.02 -22.61 -19.78
C THR A 183 7.95 -21.56 -20.16
N THR A 184 6.96 -21.31 -19.30
CA THR A 184 5.85 -20.45 -19.72
C THR A 184 6.31 -19.06 -20.20
N GLN A 185 5.64 -18.58 -21.27
CA GLN A 185 5.76 -17.23 -21.79
C GLN A 185 4.46 -16.44 -21.62
N TYR A 186 3.50 -17.03 -20.87
CA TYR A 186 2.19 -16.41 -20.54
C TYR A 186 2.05 -16.42 -18.99
N PHE A 187 2.14 -15.21 -18.43
CA PHE A 187 2.09 -14.95 -16.98
C PHE A 187 0.73 -14.22 -16.70
N ARG A 188 -0.23 -14.98 -16.15
CA ARG A 188 -1.59 -14.47 -15.91
C ARG A 188 -1.69 -14.08 -14.43
N VAL A 189 -1.39 -12.81 -14.12
CA VAL A 189 -1.24 -12.31 -12.73
C VAL A 189 -2.61 -11.90 -12.15
N THR A 190 -2.89 -12.33 -10.93
CA THR A 190 -4.13 -11.99 -10.21
C THR A 190 -3.75 -11.46 -8.80
N HIS A 191 -4.71 -10.78 -8.17
CA HIS A 191 -4.51 -10.17 -6.83
C HIS A 191 -5.68 -10.56 -5.91
N SER A 192 -5.34 -11.20 -4.77
CA SER A 192 -6.28 -11.48 -3.65
C SER A 192 -7.66 -11.93 -4.19
N ASN A 193 -8.73 -11.22 -3.87
CA ASN A 193 -10.11 -11.58 -4.32
C ASN A 193 -10.63 -10.68 -5.44
N ASP A 194 -9.76 -10.24 -6.36
CA ASP A 194 -10.21 -9.49 -7.57
C ASP A 194 -11.42 -10.24 -8.19
N GLY A 195 -12.53 -9.55 -8.45
CA GLY A 195 -13.72 -10.17 -9.05
C GLY A 195 -13.66 -10.41 -10.56
N ILE A 196 -12.79 -9.68 -11.26
CA ILE A 196 -12.79 -9.69 -12.71
C ILE A 196 -12.32 -11.03 -13.30
N PRO A 197 -11.31 -11.71 -12.70
CA PRO A 197 -10.96 -13.07 -13.20
C PRO A 197 -12.09 -14.13 -13.05
N ASN A 198 -13.22 -13.81 -12.38
CA ASN A 198 -14.36 -14.71 -12.33
C ASN A 198 -15.44 -14.42 -13.39
N LEU A 199 -15.16 -13.49 -14.32
CA LEU A 199 -16.14 -13.04 -15.34
C LEU A 199 -15.58 -13.17 -16.77
N PRO A 200 -16.42 -13.54 -17.75
CA PRO A 200 -17.75 -14.17 -17.56
C PRO A 200 -17.65 -15.47 -16.73
N PRO A 201 -18.76 -15.95 -16.13
CA PRO A 201 -18.69 -17.22 -15.41
C PRO A 201 -18.35 -18.39 -16.34
N ALA A 202 -17.60 -19.37 -15.80
CA ALA A 202 -17.14 -20.51 -16.59
C ALA A 202 -18.32 -21.28 -17.21
N GLU A 203 -19.45 -21.34 -16.49
CA GLU A 203 -20.71 -22.03 -16.88
C GLU A 203 -21.26 -21.53 -18.25
N GLN A 204 -20.87 -20.32 -18.67
CA GLN A 204 -21.26 -19.78 -19.99
C GLN A 204 -20.36 -20.23 -21.14
N GLY A 205 -19.43 -21.16 -20.87
CA GLY A 205 -18.55 -21.69 -21.89
C GLY A 205 -17.22 -20.93 -22.03
N TYR A 206 -16.77 -20.29 -20.91
CA TYR A 206 -15.52 -19.51 -20.86
C TYR A 206 -14.46 -20.22 -20.02
N ALA A 207 -13.18 -19.94 -20.33
CA ALA A 207 -12.01 -20.58 -19.67
C ALA A 207 -10.83 -19.64 -19.68
N HIS A 208 -9.97 -19.76 -18.67
CA HIS A 208 -8.63 -19.15 -18.66
C HIS A 208 -7.57 -20.11 -19.20
N GLY A 209 -6.54 -19.56 -19.86
CA GLY A 209 -5.26 -20.23 -20.12
C GLY A 209 -4.15 -19.53 -19.30
N GLY A 210 -2.92 -19.92 -19.57
CA GLY A 210 -1.72 -19.36 -18.89
C GLY A 210 -1.41 -20.03 -17.55
N VAL A 211 -0.22 -19.71 -17.02
CA VAL A 211 0.13 -20.02 -15.60
C VAL A 211 -0.39 -18.83 -14.77
N GLU A 212 -1.18 -19.07 -13.71
CA GLU A 212 -1.65 -17.99 -12.81
C GLU A 212 -0.57 -17.69 -11.75
N TYR A 213 -0.29 -16.38 -11.56
CA TYR A 213 0.63 -15.90 -10.48
C TYR A 213 -0.26 -15.06 -9.54
N TRP A 214 -0.61 -15.63 -8.37
CA TRP A 214 -1.60 -15.06 -7.43
C TRP A 214 -0.91 -14.29 -6.31
N SER A 215 -1.03 -12.96 -6.34
CA SER A 215 -0.46 -12.05 -5.33
C SER A 215 -1.40 -11.93 -4.13
N VAL A 216 -0.99 -12.49 -2.97
CA VAL A 216 -1.70 -12.37 -1.67
C VAL A 216 -1.07 -11.19 -0.89
N ASP A 217 -1.93 -10.51 -0.11
CA ASP A 217 -1.46 -9.39 0.72
C ASP A 217 -0.83 -9.90 2.05
N PRO A 218 0.22 -9.20 2.58
CA PRO A 218 0.92 -8.07 1.94
C PRO A 218 1.81 -8.57 0.78
N TYR A 219 1.91 -7.80 -0.31
CA TYR A 219 2.53 -8.31 -1.55
C TYR A 219 4.06 -8.33 -1.45
N SER A 220 4.62 -9.40 -2.01
CA SER A 220 6.07 -9.65 -2.06
C SER A 220 6.31 -10.93 -2.89
N ALA A 221 7.58 -11.22 -3.21
CA ALA A 221 7.91 -12.47 -3.92
C ALA A 221 7.49 -13.71 -3.09
N GLN A 222 7.74 -13.70 -1.76
CA GLN A 222 7.48 -14.85 -0.88
C GLN A 222 5.97 -15.10 -0.69
N ASN A 223 5.12 -14.07 -0.96
CA ASN A 223 3.67 -14.15 -0.77
C ASN A 223 2.92 -14.12 -2.13
N THR A 224 3.61 -14.60 -3.20
CA THR A 224 2.99 -14.82 -4.54
C THR A 224 3.03 -16.32 -4.86
N PHE A 225 1.90 -16.86 -5.34
CA PHE A 225 1.71 -18.31 -5.58
C PHE A 225 1.69 -18.61 -7.07
N VAL A 226 2.21 -19.78 -7.44
CA VAL A 226 2.21 -20.26 -8.85
C VAL A 226 1.10 -21.33 -8.95
N CYS A 227 0.08 -21.07 -9.77
CA CYS A 227 -1.14 -21.90 -9.82
C CYS A 227 -1.31 -22.50 -11.22
N THR A 228 -1.40 -23.83 -11.27
CA THR A 228 -1.53 -24.63 -12.51
C THR A 228 -2.61 -25.72 -12.34
N GLY A 229 -3.07 -26.30 -13.44
CA GLY A 229 -4.06 -27.38 -13.44
C GLY A 229 -5.52 -26.90 -13.36
N ASP A 230 -6.45 -27.87 -13.25
CA ASP A 230 -7.89 -27.65 -13.41
C ASP A 230 -8.71 -27.44 -12.12
N GLU A 231 -8.13 -27.59 -10.94
CA GLU A 231 -8.88 -27.38 -9.68
C GLU A 231 -9.21 -25.90 -9.48
N VAL A 232 -10.38 -25.57 -8.92
CA VAL A 232 -10.67 -24.20 -8.55
C VAL A 232 -9.76 -23.83 -7.36
N GLN A 233 -8.99 -22.74 -7.51
CA GLN A 233 -7.93 -22.40 -6.54
C GLN A 233 -7.54 -20.93 -6.69
N CYS A 234 -6.64 -20.47 -5.85
CA CYS A 234 -6.04 -19.16 -6.01
C CYS A 234 -7.11 -18.04 -6.13
N CYS A 235 -6.99 -17.07 -7.04
CA CYS A 235 -7.94 -15.94 -7.07
C CYS A 235 -9.40 -16.44 -7.29
N GLU A 236 -9.58 -17.38 -8.22
CA GLU A 236 -10.93 -17.80 -8.62
C GLU A 236 -11.66 -18.47 -7.43
N ALA A 237 -10.94 -19.10 -6.51
CA ALA A 237 -11.52 -19.73 -5.33
C ALA A 237 -12.04 -18.70 -4.32
N GLN A 238 -11.60 -17.45 -4.39
CA GLN A 238 -11.96 -16.43 -3.40
C GLN A 238 -13.39 -15.90 -3.68
N GLY A 239 -13.88 -16.09 -4.92
CA GLY A 239 -15.22 -15.67 -5.37
C GLY A 239 -15.54 -14.19 -5.18
N GLY A 240 -14.55 -13.30 -5.32
CA GLY A 240 -14.80 -11.85 -5.32
C GLY A 240 -15.90 -11.46 -6.31
N GLN A 241 -16.61 -10.37 -6.02
CA GLN A 241 -17.73 -9.88 -6.83
C GLN A 241 -17.44 -8.56 -7.56
N GLY A 242 -17.23 -8.67 -8.88
CA GLY A 242 -17.16 -7.52 -9.73
C GLY A 242 -15.94 -6.64 -9.59
N VAL A 243 -16.14 -5.36 -9.91
CA VAL A 243 -15.11 -4.34 -9.83
C VAL A 243 -14.97 -4.00 -8.38
N ASN A 244 -13.99 -4.56 -7.68
CA ASN A 244 -13.78 -4.36 -6.25
C ASN A 244 -12.39 -3.77 -5.95
N ASP A 245 -12.08 -3.52 -4.68
CA ASP A 245 -10.84 -2.85 -4.33
C ASP A 245 -9.59 -3.65 -4.83
N ALA A 246 -9.64 -4.97 -4.68
CA ALA A 246 -8.53 -5.80 -5.10
C ALA A 246 -8.25 -5.65 -6.60
N HIS A 247 -9.30 -5.48 -7.40
CA HIS A 247 -9.17 -5.23 -8.86
C HIS A 247 -8.36 -3.97 -9.18
N THR A 248 -8.52 -2.91 -8.40
CA THR A 248 -7.92 -1.60 -8.75
C THR A 248 -6.42 -1.47 -8.57
N THR A 249 -5.85 -2.30 -7.69
CA THR A 249 -4.49 -2.05 -7.11
C THR A 249 -3.66 -3.34 -7.16
N TYR A 250 -2.62 -3.33 -8.02
CA TYR A 250 -1.71 -4.47 -8.22
C TYR A 250 -0.30 -4.07 -7.76
N PHE A 251 0.31 -4.84 -6.86
CA PHE A 251 1.63 -4.51 -6.26
C PHE A 251 1.64 -3.07 -5.71
N GLY A 252 0.53 -2.69 -5.09
CA GLY A 252 0.39 -1.36 -4.43
C GLY A 252 0.22 -0.20 -5.39
N MET A 253 0.00 -0.48 -6.68
CA MET A 253 -0.16 0.57 -7.72
C MET A 253 -1.61 0.61 -8.21
N THR A 254 -2.31 1.72 -7.93
CA THR A 254 -3.72 1.90 -8.37
C THR A 254 -3.72 2.48 -9.78
N SER A 255 -4.65 1.99 -10.64
CA SER A 255 -4.73 2.43 -12.05
C SER A 255 -4.72 3.97 -12.15
N GLY A 256 -3.79 4.51 -12.94
CA GLY A 256 -3.71 5.97 -13.20
C GLY A 256 -3.24 6.86 -12.06
N ALA A 257 -2.82 6.32 -10.91
CA ALA A 257 -2.52 7.15 -9.74
C ALA A 257 -1.14 7.83 -9.80
N CYS A 258 -0.20 7.20 -10.52
CA CYS A 258 1.16 7.74 -10.75
C CYS A 258 1.90 7.96 -9.41
N THR A 259 1.79 7.00 -8.49
CA THR A 259 2.44 7.03 -7.18
C THR A 259 3.79 6.28 -7.17
N TRP A 260 4.13 5.63 -8.27
CA TRP A 260 5.37 4.88 -8.44
C TRP A 260 6.50 5.80 -8.96
N VAL A 261 7.73 5.45 -8.61
CA VAL A 261 8.92 6.14 -9.11
C VAL A 261 9.22 5.70 -10.56
N ALA B 1 9.70 11.00 0.77
CA ALA B 1 8.85 11.95 0.02
C ALA B 1 7.39 11.71 0.37
N SER B 2 6.57 12.76 0.23
N SER B 2 6.62 11.36 -0.39
CA SER B 2 5.11 12.65 0.29
CA SER B 2 5.49 12.28 -0.18
C SER B 2 4.40 11.91 -0.93
C SER B 2 4.59 11.84 -1.26
N THR B 3 3.16 11.35 -0.63
N THR B 3 3.63 11.04 -0.94
CA THR B 3 1.85 11.21 -1.45
CA THR B 3 3.07 10.25 -2.00
C THR B 3 0.55 11.82 -0.72
C THR B 3 1.66 10.62 -2.38
N GLN B 4 -0.46 12.31 -1.47
N GLN B 4 0.77 10.63 -1.39
CA GLN B 4 -1.61 13.03 -0.88
CA GLN B 4 -0.70 10.72 -1.63
C GLN B 4 -2.84 12.15 -0.68
C GLN B 4 -1.40 10.96 -0.27
N GLY B 5 -3.37 12.16 0.54
N GLY B 5 -2.70 11.32 -0.30
CA GLY B 5 -4.56 11.48 0.77
CA GLY B 5 -3.60 11.45 0.93
C GLY B 5 -4.32 10.15 1.47
N ILE B 6 -5.21 10.14 2.47
CA ILE B 6 -5.70 8.89 3.16
C ILE B 6 -7.21 8.67 3.06
N SER B 7 -7.67 7.45 3.44
CA SER B 7 -9.11 7.13 3.46
C SER B 7 -9.83 7.88 4.56
N GLU B 8 -11.17 8.03 4.38
CA GLU B 8 -12.02 8.63 5.45
C GLU B 8 -11.97 7.75 6.72
N ASP B 9 -11.93 6.42 6.59
CA ASP B 9 -11.85 5.55 7.79
C ASP B 9 -10.54 5.78 8.59
N LEU B 10 -9.39 5.83 7.91
CA LEU B 10 -8.11 6.06 8.63
C LEU B 10 -8.10 7.48 9.23
N TYR B 11 -8.58 8.48 8.47
CA TYR B 11 -8.68 9.84 9.00
C TYR B 11 -9.49 9.86 10.31
N ASN B 12 -10.64 9.17 10.35
CA ASN B 12 -11.45 9.17 11.56
C ASN B 12 -10.72 8.50 12.74
N ARG B 13 -9.92 7.45 12.49
CA ARG B 13 -9.09 6.84 13.54
C ARG B 13 -8.05 7.82 14.10
N LEU B 14 -7.40 8.58 13.21
CA LEU B 14 -6.41 9.59 13.67
C LEU B 14 -7.08 10.67 14.50
N VAL B 15 -8.26 11.15 14.04
CA VAL B 15 -8.99 12.18 14.79
C VAL B 15 -9.42 11.66 16.20
N GLU B 16 -9.86 10.39 16.29
CA GLU B 16 -10.27 9.84 17.60
C GLU B 16 -9.06 9.80 18.56
N MET B 17 -7.91 9.31 18.09
CA MET B 17 -6.71 9.25 18.98
C MET B 17 -6.18 10.66 19.32
N ALA B 18 -6.32 11.62 18.39
CA ALA B 18 -5.93 13.02 18.69
C ALA B 18 -6.86 13.60 19.79
N THR B 19 -8.15 13.26 19.74
CA THR B 19 -9.11 13.73 20.76
C THR B 19 -8.68 13.22 22.15
N ILE B 20 -8.45 11.91 22.26
CA ILE B 20 -8.03 11.31 23.54
C ILE B 20 -6.70 11.97 24.03
N SER B 21 -5.74 12.14 23.12
CA SER B 21 -4.44 12.77 23.47
C SER B 21 -4.59 14.21 23.98
N GLN B 22 -5.46 15.00 23.31
CA GLN B 22 -5.64 16.41 23.71
C GLN B 22 -6.48 16.55 24.99
N ALA B 23 -7.38 15.59 25.21
CA ALA B 23 -8.21 15.56 26.43
C ALA B 23 -7.41 15.10 27.67
N ALA B 24 -6.27 14.42 27.46
CA ALA B 24 -5.40 14.01 28.58
C ALA B 24 -4.82 15.22 29.38
N TYR B 25 -4.84 16.41 28.76
CA TYR B 25 -4.44 17.66 29.44
C TYR B 25 -5.51 18.25 30.38
N ALA B 26 -6.72 17.68 30.38
CA ALA B 26 -7.86 18.20 31.17
C ALA B 26 -8.76 17.05 31.69
N ASP B 27 -8.14 16.05 32.36
CA ASP B 27 -8.91 14.97 33.03
C ASP B 27 -9.90 14.28 32.08
N LEU B 28 -9.45 14.04 30.84
CA LEU B 28 -10.22 13.29 29.84
C LEU B 28 -11.57 13.93 29.53
N CYS B 29 -11.63 15.27 29.54
CA CYS B 29 -12.89 16.00 29.26
C CYS B 29 -13.46 15.56 27.91
N ASN B 30 -14.77 15.24 27.92
CA ASN B 30 -15.57 15.06 26.68
C ASN B 30 -15.06 13.99 25.72
N ILE B 31 -14.35 12.96 26.21
CA ILE B 31 -14.02 11.81 25.35
C ILE B 31 -15.31 10.99 25.09
N PRO B 32 -15.33 10.12 24.08
CA PRO B 32 -16.56 9.32 23.86
C PRO B 32 -17.04 8.57 25.11
N SER B 33 -18.35 8.66 25.45
CA SER B 33 -18.82 8.21 26.78
C SER B 33 -18.97 6.69 26.90
N THR B 34 -18.90 6.00 25.77
CA THR B 34 -18.94 4.56 25.74
C THR B 34 -17.55 3.93 26.05
N ILE B 35 -16.40 4.69 25.99
CA ILE B 35 -15.07 4.21 26.49
C ILE B 35 -15.15 4.00 27.99
N ILE B 36 -14.62 2.87 28.47
CA ILE B 36 -14.59 2.51 29.89
C ILE B 36 -13.25 3.07 30.46
N LYS B 37 -13.34 3.95 31.45
CA LYS B 37 -12.15 4.55 32.06
C LYS B 37 -11.58 3.62 33.13
N GLY B 38 -10.28 3.40 33.04
CA GLY B 38 -9.56 2.65 34.06
C GLY B 38 -8.69 3.53 34.94
N GLU B 39 -7.66 2.94 35.53
CA GLU B 39 -6.86 3.62 36.56
C GLU B 39 -5.97 4.74 35.99
N LYS B 40 -5.80 5.78 36.82
CA LYS B 40 -4.82 6.86 36.57
C LYS B 40 -3.38 6.36 36.77
N ILE B 41 -2.49 6.77 35.85
CA ILE B 41 -1.02 6.52 35.92
C ILE B 41 -0.37 7.85 36.36
N TYR B 42 0.46 7.83 37.40
CA TYR B 42 1.02 9.08 37.91
C TYR B 42 2.33 8.82 38.70
N ASN B 43 3.35 9.67 38.46
CA ASN B 43 4.56 9.70 39.34
C ASN B 43 4.85 11.16 39.78
N ALA B 44 5.08 11.33 41.08
CA ALA B 44 5.22 12.66 41.68
C ALA B 44 6.59 13.33 41.41
N GLN B 45 7.65 12.57 41.14
CA GLN B 45 8.98 13.17 40.85
C GLN B 45 9.04 13.79 39.42
N THR B 46 8.47 13.08 38.44
CA THR B 46 8.52 13.50 37.03
C THR B 46 7.25 14.25 36.59
N ASP B 47 6.17 14.15 37.37
CA ASP B 47 4.83 14.64 36.99
C ASP B 47 4.41 14.06 35.62
N ILE B 48 4.70 12.78 35.40
CA ILE B 48 4.09 12.08 34.25
C ILE B 48 2.65 11.70 34.66
N ASN B 49 1.69 12.03 33.79
CA ASN B 49 0.26 11.74 33.97
C ASN B 49 -0.28 10.95 32.75
N GLY B 50 -1.08 9.92 33.01
CA GLY B 50 -1.76 9.17 31.94
C GLY B 50 -2.90 8.33 32.49
N TRP B 51 -3.53 7.50 31.61
CA TRP B 51 -4.60 6.59 32.02
C TRP B 51 -4.56 5.32 31.16
N ILE B 52 -5.10 4.23 31.71
CA ILE B 52 -5.54 3.08 30.90
C ILE B 52 -7.07 3.13 30.70
N LEU B 53 -7.51 2.78 29.48
CA LEU B 53 -8.93 2.89 29.01
C LEU B 53 -9.25 1.60 28.22
N ARG B 54 -10.55 1.30 28.02
CA ARG B 54 -10.94 0.17 27.15
C ARG B 54 -12.16 0.56 26.29
N ASP B 55 -12.06 0.32 24.99
CA ASP B 55 -13.15 0.56 24.01
C ASP B 55 -13.65 -0.82 23.56
N ASP B 56 -14.80 -1.25 24.07
CA ASP B 56 -15.37 -2.57 23.72
C ASP B 56 -15.97 -2.60 22.27
N THR B 57 -16.21 -1.45 21.62
CA THR B 57 -16.67 -1.40 20.21
C THR B 57 -15.55 -1.67 19.22
N SER B 58 -14.45 -0.92 19.38
CA SER B 58 -13.26 -1.09 18.54
C SER B 58 -12.31 -2.21 18.99
N LYS B 59 -12.61 -2.84 20.14
CA LYS B 59 -11.78 -3.90 20.73
C LYS B 59 -10.30 -3.44 20.89
N GLU B 60 -10.12 -2.36 21.67
CA GLU B 60 -8.80 -1.80 22.00
C GLU B 60 -8.67 -1.50 23.49
N ILE B 61 -7.55 -1.87 24.07
CA ILE B 61 -7.07 -1.39 25.40
C ILE B 61 -6.15 -0.22 25.09
N ILE B 62 -6.52 0.99 25.52
CA ILE B 62 -5.82 2.24 25.13
C ILE B 62 -5.04 2.80 26.32
N THR B 63 -3.71 3.02 26.15
CA THR B 63 -2.88 3.71 27.15
C THR B 63 -2.55 5.09 26.58
N VAL B 64 -2.94 6.16 27.30
CA VAL B 64 -2.67 7.53 26.85
C VAL B 64 -1.83 8.28 27.91
N PHE B 65 -0.87 9.08 27.41
CA PHE B 65 -0.03 9.98 28.25
C PHE B 65 -0.29 11.45 27.88
N ARG B 66 -0.44 12.30 28.91
CA ARG B 66 -0.44 13.76 28.77
C ARG B 66 0.96 14.25 28.33
N GLY B 67 0.98 15.25 27.44
CA GLY B 67 2.18 16.02 27.19
C GLY B 67 2.53 17.06 28.28
N THR B 68 3.39 18.04 27.92
CA THR B 68 3.93 18.98 28.92
C THR B 68 2.84 19.85 29.57
N GLY B 69 2.76 19.75 30.91
CA GLY B 69 1.76 20.48 31.70
C GLY B 69 2.29 21.05 33.02
N SER B 70 3.61 21.23 33.15
CA SER B 70 4.25 21.72 34.38
C SER B 70 5.70 22.12 34.08
N ASP B 71 6.28 22.91 34.99
CA ASP B 71 7.70 23.22 34.94
C ASP B 71 8.55 21.95 35.03
N THR B 72 8.15 20.98 35.86
CA THR B 72 8.92 19.69 35.94
C THR B 72 8.95 18.98 34.58
N ASN B 73 7.79 18.89 33.89
CA ASN B 73 7.79 18.29 32.53
C ASN B 73 8.72 19.08 31.58
N LEU B 74 8.69 20.42 31.64
CA LEU B 74 9.57 21.24 30.77
C LEU B 74 11.06 20.95 31.03
N GLN B 75 11.44 20.71 32.28
CA GLN B 75 12.83 20.30 32.57
C GLN B 75 13.16 18.97 31.89
N LEU B 76 12.27 17.99 31.93
CA LEU B 76 12.50 16.71 31.22
C LEU B 76 12.69 16.93 29.71
N ASP B 77 11.87 17.82 29.13
CA ASP B 77 11.91 18.05 27.68
C ASP B 77 13.31 18.40 27.18
N THR B 78 14.06 19.21 27.97
CA THR B 78 15.36 19.73 27.50
C THR B 78 16.60 18.90 27.94
N ASN B 79 16.38 17.72 28.54
CA ASN B 79 17.48 16.78 28.78
C ASN B 79 17.67 15.94 27.48
N TYR B 80 18.57 16.43 26.63
CA TYR B 80 18.83 15.83 25.31
C TYR B 80 19.96 14.79 25.36
N THR B 81 20.46 14.43 26.54
CA THR B 81 21.53 13.40 26.61
C THR B 81 20.95 12.05 26.19
N LEU B 82 21.63 11.34 25.27
CA LEU B 82 21.21 9.98 24.87
C LEU B 82 21.47 8.96 25.96
N THR B 83 20.51 8.05 26.20
CA THR B 83 20.58 7.04 27.26
C THR B 83 20.28 5.65 26.69
N PRO B 84 21.15 4.64 26.94
CA PRO B 84 20.82 3.27 26.49
C PRO B 84 19.44 2.78 26.96
N PHE B 85 18.66 2.15 26.06
CA PHE B 85 17.30 1.71 26.33
C PHE B 85 17.35 0.31 27.02
N ASP B 86 17.84 0.31 28.26
CA ASP B 86 18.19 -0.95 28.94
C ASP B 86 16.96 -1.84 29.31
N THR B 87 15.74 -1.28 29.41
CA THR B 87 14.55 -2.16 29.75
C THR B 87 14.27 -3.12 28.58
N LEU B 88 14.83 -2.85 27.39
CA LEU B 88 14.64 -3.73 26.24
C LEU B 88 16.05 -4.11 25.67
N PRO B 89 16.74 -5.09 26.29
CA PRO B 89 18.13 -5.40 25.87
C PRO B 89 18.25 -5.96 24.44
N GLN B 90 17.17 -6.54 23.91
CA GLN B 90 17.14 -6.99 22.49
C GLN B 90 17.16 -5.83 21.47
N CYS B 91 16.93 -4.60 21.94
CA CYS B 91 17.06 -3.41 21.07
C CYS B 91 18.53 -3.05 21.01
N ASN B 92 19.23 -3.64 20.04
CA ASN B 92 20.66 -3.54 19.99
C ASN B 92 21.22 -2.10 19.64
N ASP B 93 22.10 -1.56 20.50
CA ASP B 93 22.68 -0.20 20.40
C ASP B 93 21.61 0.92 20.47
N CYS B 94 20.40 0.60 20.90
CA CYS B 94 19.32 1.60 21.02
C CYS B 94 19.58 2.59 22.16
N GLU B 95 19.43 3.89 21.85
CA GLU B 95 19.51 4.96 22.87
C GLU B 95 18.32 5.89 22.62
N VAL B 96 17.80 6.45 23.73
CA VAL B 96 16.61 7.32 23.72
C VAL B 96 16.87 8.67 24.44
N HIS B 97 15.98 9.64 24.15
CA HIS B 97 15.99 10.95 24.80
C HIS B 97 16.08 10.76 26.33
N GLY B 98 17.04 11.42 26.97
CA GLY B 98 17.36 11.12 28.38
C GLY B 98 16.23 11.53 29.33
N GLY B 99 15.65 12.71 29.12
CA GLY B 99 14.53 13.14 29.97
C GLY B 99 13.32 12.21 29.87
N TYR B 100 12.99 11.81 28.63
CA TYR B 100 11.83 10.89 28.48
C TYR B 100 12.12 9.50 29.05
N TYR B 101 13.38 9.05 29.05
CA TYR B 101 13.70 7.77 29.71
C TYR B 101 13.45 7.84 31.23
N ILE B 102 13.81 8.96 31.90
CA ILE B 102 13.43 9.12 33.35
C ILE B 102 11.90 9.03 33.49
N GLY B 103 11.17 9.73 32.61
CA GLY B 103 9.69 9.65 32.62
C GLY B 103 9.16 8.21 32.55
N TRP B 104 9.68 7.44 31.56
CA TRP B 104 9.31 6.04 31.38
C TRP B 104 9.60 5.18 32.65
N ILE B 105 10.83 5.24 33.14
CA ILE B 105 11.21 4.46 34.34
C ILE B 105 10.26 4.80 35.53
N SER B 106 9.94 6.09 35.66
CA SER B 106 9.12 6.58 36.78
C SER B 106 7.68 6.01 36.82
N VAL B 107 7.15 5.53 35.67
CA VAL B 107 5.82 4.93 35.60
C VAL B 107 5.80 3.48 35.09
N GLN B 108 6.95 2.89 34.71
CA GLN B 108 6.90 1.59 34.06
C GLN B 108 6.16 0.51 34.86
N ASP B 109 6.36 0.45 36.20
CA ASP B 109 5.74 -0.64 36.96
C ASP B 109 4.19 -0.52 36.94
N GLN B 110 3.68 0.72 36.97
CA GLN B 110 2.23 0.98 36.87
C GLN B 110 1.69 0.57 35.48
N VAL B 111 2.35 1.06 34.42
CA VAL B 111 1.93 0.77 33.02
C VAL B 111 1.91 -0.75 32.80
N GLU B 112 3.02 -1.42 33.15
CA GLU B 112 3.15 -2.86 32.84
C GLU B 112 2.11 -3.71 33.63
N SER B 113 1.88 -3.36 34.90
CA SER B 113 0.92 -4.14 35.70
C SER B 113 -0.54 -3.92 35.20
N LEU B 114 -0.90 -2.68 34.87
CA LEU B 114 -2.26 -2.36 34.42
C LEU B 114 -2.54 -3.01 33.03
N VAL B 115 -1.55 -2.94 32.12
CA VAL B 115 -1.71 -3.57 30.80
C VAL B 115 -1.83 -5.10 30.91
N LYS B 116 -0.98 -5.71 31.72
CA LYS B 116 -1.02 -7.17 31.90
C LYS B 116 -2.43 -7.64 32.35
N GLN B 117 -3.00 -6.91 33.31
CA GLN B 117 -4.32 -7.24 33.85
C GLN B 117 -5.41 -7.18 32.76
N GLN B 118 -5.42 -6.12 31.96
CA GLN B 118 -6.42 -5.99 30.89
C GLN B 118 -6.19 -7.05 29.80
N ALA B 119 -4.94 -7.18 29.36
CA ALA B 119 -4.63 -8.07 28.22
C ALA B 119 -4.97 -9.52 28.51
N SER B 120 -4.72 -9.96 29.74
CA SER B 120 -5.02 -11.33 30.14
C SER B 120 -6.53 -11.65 29.99
N GLN B 121 -7.38 -10.66 30.29
CA GLN B 121 -8.83 -10.82 30.22
C GLN B 121 -9.45 -10.59 28.85
N TYR B 122 -8.84 -9.73 28.04
CA TYR B 122 -9.38 -9.36 26.73
C TYR B 122 -8.31 -9.67 25.69
N PRO B 123 -7.97 -10.96 25.50
CA PRO B 123 -6.79 -11.32 24.69
C PRO B 123 -6.92 -11.01 23.16
N ASP B 124 -8.15 -10.85 22.67
CA ASP B 124 -8.40 -10.48 21.27
C ASP B 124 -8.41 -8.98 21.04
N TYR B 125 -8.15 -8.15 22.05
CA TYR B 125 -8.13 -6.68 21.88
C TYR B 125 -6.72 -6.23 21.50
N ALA B 126 -6.64 -5.24 20.65
CA ALA B 126 -5.35 -4.57 20.37
C ALA B 126 -4.90 -3.75 21.57
N LEU B 127 -3.57 -3.59 21.70
CA LEU B 127 -2.98 -2.69 22.70
C LEU B 127 -2.53 -1.43 21.99
N THR B 128 -3.34 -0.38 22.13
CA THR B 128 -3.09 0.90 21.47
C THR B 128 -2.45 1.89 22.45
N VAL B 129 -1.40 2.60 22.02
CA VAL B 129 -0.70 3.57 22.87
C VAL B 129 -0.68 4.92 22.12
N THR B 130 -0.99 6.03 22.84
CA THR B 130 -1.11 7.33 22.17
C THR B 130 -0.72 8.48 23.13
N GLY B 131 -0.41 9.61 22.53
CA GLY B 131 -0.13 10.88 23.25
C GLY B 131 0.35 11.98 22.32
N HIS B 132 0.35 13.22 22.84
CA HIS B 132 0.83 14.42 22.15
C HIS B 132 2.14 14.96 22.78
N SER B 133 3.11 15.27 21.90
CA SER B 133 4.36 15.98 22.28
C SER B 133 5.16 15.15 23.31
N LEU B 134 5.44 15.63 24.53
CA LEU B 134 6.08 14.77 25.57
C LEU B 134 5.33 13.45 25.71
N GLY B 135 3.98 13.51 25.64
CA GLY B 135 3.15 12.32 25.79
C GLY B 135 3.34 11.34 24.63
N ALA B 136 3.65 11.88 23.43
CA ALA B 136 3.95 11.05 22.24
C ALA B 136 5.24 10.25 22.42
N SER B 137 6.30 10.89 22.95
CA SER B 137 7.57 10.15 23.23
C SER B 137 7.36 9.10 24.35
N MET B 138 6.58 9.45 25.41
CA MET B 138 6.20 8.44 26.42
C MET B 138 5.50 7.24 25.76
N ALA B 139 4.57 7.53 24.84
CA ALA B 139 3.84 6.48 24.10
C ALA B 139 4.83 5.62 23.28
N ALA B 140 5.80 6.23 22.59
CA ALA B 140 6.76 5.48 21.77
C ALA B 140 7.62 4.52 22.59
N LEU B 141 8.14 5.00 23.73
CA LEU B 141 8.96 4.11 24.63
C LEU B 141 8.10 2.94 25.17
N THR B 142 6.87 3.28 25.59
CA THR B 142 5.93 2.26 26.13
C THR B 142 5.60 1.20 25.04
N ALA B 143 5.24 1.66 23.84
CA ALA B 143 4.88 0.75 22.75
C ALA B 143 6.07 -0.15 22.35
N ALA B 144 7.28 0.43 22.34
CA ALA B 144 8.48 -0.40 22.08
C ALA B 144 8.57 -1.55 23.07
N GLN B 145 8.45 -1.25 24.36
CA GLN B 145 8.48 -2.28 25.40
C GLN B 145 7.38 -3.36 25.22
N LEU B 146 6.13 -2.90 25.04
CA LEU B 146 4.98 -3.85 24.91
C LEU B 146 5.13 -4.77 23.71
N SER B 147 5.67 -4.23 22.61
CA SER B 147 5.79 -5.02 21.35
C SER B 147 6.65 -6.28 21.51
N ALA B 148 7.56 -6.29 22.49
CA ALA B 148 8.47 -7.44 22.66
C ALA B 148 7.77 -8.71 23.19
N THR B 149 6.64 -8.58 23.90
CA THR B 149 5.94 -9.79 24.47
C THR B 149 4.43 -9.85 24.24
N TYR B 150 3.82 -8.79 23.71
CA TYR B 150 2.39 -8.79 23.37
C TYR B 150 2.18 -8.71 21.87
N ASP B 151 1.08 -9.29 21.38
CA ASP B 151 0.62 -9.17 19.96
C ASP B 151 -0.25 -7.89 19.79
N ASN B 152 -0.34 -7.42 18.56
CA ASN B 152 -1.26 -6.45 18.17
C ASN B 152 -1.08 -5.13 18.91
N VAL B 153 0.16 -4.67 18.99
CA VAL B 153 0.44 -3.33 19.53
C VAL B 153 0.40 -2.28 18.42
N ARG B 154 -0.28 -1.16 18.69
CA ARG B 154 -0.45 -0.07 17.73
C ARG B 154 0.00 1.23 18.40
N LEU B 155 0.58 2.15 17.64
CA LEU B 155 1.17 3.43 18.17
C LEU B 155 0.68 4.58 17.30
N TYR B 156 -0.05 5.53 17.92
CA TYR B 156 -0.51 6.77 17.27
C TYR B 156 0.12 7.96 18.01
N THR B 157 1.03 8.70 17.38
CA THR B 157 1.65 9.87 18.04
C THR B 157 1.29 11.16 17.32
N PHE B 158 1.26 12.27 18.09
CA PHE B 158 0.92 13.60 17.55
C PHE B 158 2.01 14.61 17.97
N GLY B 159 2.67 15.26 17.02
CA GLY B 159 3.72 16.24 17.37
C GLY B 159 4.88 15.64 18.15
N GLU B 160 5.27 14.40 17.81
CA GLU B 160 6.33 13.67 18.56
C GLU B 160 7.72 14.27 18.28
N PRO B 161 8.49 14.53 19.35
CA PRO B 161 9.97 14.78 19.22
C PRO B 161 10.68 13.58 18.52
N ARG B 162 11.94 13.78 18.14
CA ARG B 162 12.79 12.62 17.82
C ARG B 162 13.06 11.89 19.14
N SER B 163 12.53 10.65 19.26
CA SER B 163 12.51 9.97 20.56
C SER B 163 13.81 9.21 20.90
N GLY B 164 14.70 9.01 19.90
CA GLY B 164 15.98 8.32 20.13
C GLY B 164 16.88 8.36 18.90
N ASN B 165 17.86 7.43 18.85
CA ASN B 165 18.86 7.37 17.79
C ASN B 165 18.35 6.52 16.60
N GLN B 166 19.20 6.40 15.56
CA GLN B 166 18.80 5.59 14.38
C GLN B 166 18.65 4.11 14.74
N ALA B 167 19.47 3.57 15.64
CA ALA B 167 19.28 2.18 16.06
C ALA B 167 17.84 1.93 16.62
N PHE B 168 17.35 2.86 17.43
CA PHE B 168 15.99 2.77 18.00
C PHE B 168 14.92 2.90 16.88
N ALA B 169 15.14 3.83 15.92
CA ALA B 169 14.19 3.96 14.77
C ALA B 169 14.15 2.67 13.94
N SER B 170 15.30 2.07 13.63
CA SER B 170 15.34 0.82 12.86
C SER B 170 14.59 -0.30 13.59
N TYR B 171 14.81 -0.41 14.90
CA TYR B 171 14.09 -1.40 15.71
C TYR B 171 12.56 -1.21 15.65
N MET B 172 12.11 0.03 15.86
CA MET B 172 10.67 0.33 15.81
C MET B 172 10.08 0.06 14.42
N ASN B 173 10.86 0.37 13.38
CA ASN B 173 10.37 0.15 12.01
C ASN B 173 10.09 -1.35 11.74
N ASP B 174 10.99 -2.21 12.23
CA ASP B 174 10.77 -3.67 12.08
C ASP B 174 9.58 -4.15 12.95
N ALA B 175 9.50 -3.67 14.20
CA ALA B 175 8.48 -4.15 15.13
C ALA B 175 7.06 -3.70 14.77
N PHE B 176 6.95 -2.61 14.00
CA PHE B 176 5.64 -2.01 13.65
C PHE B 176 5.33 -2.08 12.14
N GLN B 177 6.10 -2.89 11.38
CA GLN B 177 5.80 -3.14 9.95
C GLN B 177 5.74 -1.84 9.14
N VAL B 178 6.70 -0.94 9.38
CA VAL B 178 6.68 0.39 8.79
C VAL B 178 7.08 0.43 7.30
N SER B 179 7.69 -0.64 6.79
CA SER B 179 8.19 -0.64 5.39
C SER B 179 7.11 -0.43 4.31
N SER B 180 5.84 -0.64 4.66
CA SER B 180 4.72 -0.31 3.74
C SER B 180 3.60 0.47 4.49
N PRO B 181 3.07 1.55 3.92
CA PRO B 181 1.89 2.17 4.56
C PRO B 181 0.66 1.24 4.71
N GLU B 182 0.59 0.18 3.88
CA GLU B 182 -0.52 -0.78 3.95
C GLU B 182 -0.43 -1.68 5.18
N THR B 183 0.78 -1.84 5.73
CA THR B 183 0.99 -2.68 6.92
C THR B 183 1.33 -1.91 8.21
N THR B 184 1.77 -0.64 8.13
CA THR B 184 2.27 0.01 9.32
C THR B 184 1.25 0.00 10.48
N GLN B 185 1.79 -0.20 11.67
CA GLN B 185 1.08 -0.07 12.95
C GLN B 185 1.61 1.10 13.79
N TYR B 186 2.48 1.93 13.19
CA TYR B 186 3.06 3.16 13.80
C TYR B 186 2.72 4.34 12.88
N PHE B 187 1.75 5.15 13.37
CA PHE B 187 1.22 6.35 12.67
C PHE B 187 1.84 7.59 13.37
N ARG B 188 2.88 8.20 12.76
CA ARG B 188 3.60 9.35 13.36
C ARG B 188 2.98 10.64 12.74
N VAL B 189 1.97 11.19 13.41
CA VAL B 189 1.19 12.30 12.85
C VAL B 189 1.85 13.67 13.16
N THR B 190 1.95 14.51 12.13
CA THR B 190 2.53 15.86 12.23
C THR B 190 1.51 16.85 11.65
N HIS B 191 1.75 18.14 11.86
CA HIS B 191 0.85 19.23 11.42
C HIS B 191 1.66 20.43 10.91
N SER B 192 1.46 20.82 9.64
CA SER B 192 1.94 22.09 9.13
C SER B 192 3.45 22.22 9.46
N ASN B 193 3.85 23.38 10.04
CA ASN B 193 5.25 23.64 10.43
C ASN B 193 5.50 23.44 11.95
N ASP B 194 4.81 22.48 12.58
CA ASP B 194 5.09 22.16 14.01
C ASP B 194 6.61 22.10 14.23
N GLY B 195 7.13 22.83 15.24
CA GLY B 195 8.58 22.85 15.50
C GLY B 195 9.08 21.64 16.28
N ILE B 196 8.20 20.95 17.03
CA ILE B 196 8.68 19.91 17.96
C ILE B 196 9.20 18.64 17.25
N PRO B 197 8.66 18.21 16.09
CA PRO B 197 9.29 17.11 15.31
C PRO B 197 10.70 17.44 14.80
N ASN B 198 11.18 18.69 14.95
CA ASN B 198 12.59 19.03 14.62
C ASN B 198 13.57 18.98 15.81
N LEU B 199 13.09 18.54 16.97
CA LEU B 199 13.88 18.52 18.19
C LEU B 199 13.91 17.12 18.84
N PRO B 200 15.03 16.72 19.46
CA PRO B 200 16.35 17.37 19.32
C PRO B 200 16.80 17.41 17.85
N PRO B 201 17.73 18.31 17.51
CA PRO B 201 18.28 18.34 16.12
C PRO B 201 18.87 17.00 15.73
N ALA B 202 18.67 16.58 14.48
CA ALA B 202 19.14 15.30 14.00
C ALA B 202 20.65 15.12 14.21
N GLU B 203 21.38 16.20 13.98
CA GLU B 203 22.84 16.15 14.04
C GLU B 203 23.40 15.93 15.46
N GLN B 204 22.55 15.92 16.52
CA GLN B 204 22.95 15.45 17.85
C GLN B 204 22.81 13.92 18.03
N GLY B 205 22.57 13.20 16.93
CA GLY B 205 22.49 11.74 16.94
C GLY B 205 21.06 11.21 17.11
N TYR B 206 20.07 11.99 16.67
CA TYR B 206 18.63 11.64 16.79
C TYR B 206 18.00 11.37 15.42
N ALA B 207 16.96 10.53 15.42
CA ALA B 207 16.25 10.09 14.20
C ALA B 207 14.76 9.84 14.54
N HIS B 208 13.89 9.93 13.53
CA HIS B 208 12.52 9.42 13.65
C HIS B 208 12.39 8.07 12.96
N GLY B 209 11.51 7.22 13.47
CA GLY B 209 10.93 6.07 12.75
C GLY B 209 9.44 6.32 12.46
N GLY B 210 8.74 5.27 12.03
CA GLY B 210 7.33 5.36 11.66
C GLY B 210 7.09 5.83 10.23
N VAL B 211 5.82 5.72 9.82
CA VAL B 211 5.32 6.41 8.62
C VAL B 211 4.79 7.77 9.08
N GLU B 212 5.23 8.87 8.45
CA GLU B 212 4.73 10.21 8.82
C GLU B 212 3.38 10.48 8.10
N TYR B 213 2.37 10.95 8.85
CA TYR B 213 1.07 11.39 8.31
C TYR B 213 1.02 12.89 8.57
N TRP B 214 1.22 13.68 7.51
CA TRP B 214 1.45 15.14 7.61
C TRP B 214 0.16 15.88 7.25
N SER B 215 -0.47 16.46 8.27
CA SER B 215 -1.71 17.27 8.11
C SER B 215 -1.38 18.69 7.64
N VAL B 216 -1.79 19.01 6.41
CA VAL B 216 -1.67 20.34 5.82
C VAL B 216 -3.04 21.05 5.96
N ASP B 217 -3.02 22.36 6.26
CA ASP B 217 -4.26 23.15 6.40
C ASP B 217 -4.85 23.50 5.04
N PRO B 218 -6.18 23.55 4.90
CA PRO B 218 -7.19 23.20 5.93
C PRO B 218 -7.33 21.67 6.13
N TYR B 219 -7.33 21.20 7.39
CA TYR B 219 -7.20 19.74 7.65
C TYR B 219 -8.40 18.91 7.12
N SER B 220 -8.09 17.73 6.61
CA SER B 220 -9.03 16.78 5.95
C SER B 220 -8.29 15.50 5.62
N ALA B 221 -9.04 14.44 5.23
CA ALA B 221 -8.41 13.23 4.73
C ALA B 221 -7.56 13.46 3.48
N GLN B 222 -8.06 14.25 2.50
CA GLN B 222 -7.29 14.53 1.26
C GLN B 222 -6.04 15.36 1.50
N ASN B 223 -6.08 16.20 2.55
CA ASN B 223 -4.97 17.07 2.90
C ASN B 223 -4.06 16.47 3.99
N THR B 224 -4.15 15.15 4.21
CA THR B 224 -3.21 14.46 5.11
C THR B 224 -2.33 13.58 4.20
N PHE B 225 -1.03 13.88 4.14
N PHE B 225 -1.03 13.90 4.15
CA PHE B 225 -0.11 13.20 3.22
CA PHE B 225 -0.05 13.30 3.24
C PHE B 225 0.71 12.11 3.90
N VAL B 226 0.98 11.03 3.16
CA VAL B 226 1.75 9.88 3.64
C VAL B 226 3.21 10.07 3.19
N CYS B 227 4.13 10.25 4.16
CA CYS B 227 5.54 10.54 3.90
C CYS B 227 6.44 9.39 4.36
N THR B 228 7.16 8.80 3.40
CA THR B 228 8.03 7.63 3.63
C THR B 228 9.53 7.96 3.39
N GLY B 229 10.41 7.02 3.73
CA GLY B 229 11.84 7.28 3.73
C GLY B 229 12.21 8.28 4.82
N ASP B 230 13.50 8.64 4.86
CA ASP B 230 14.04 9.42 5.99
C ASP B 230 14.84 10.71 5.59
N GLU B 231 14.73 11.16 4.35
CA GLU B 231 15.26 12.49 4.00
C GLU B 231 14.37 13.59 4.61
N VAL B 232 14.88 14.82 4.61
CA VAL B 232 14.14 15.97 5.08
C VAL B 232 12.93 16.19 4.13
N GLN B 233 11.72 16.19 4.69
CA GLN B 233 10.49 16.27 3.89
C GLN B 233 9.32 16.66 4.82
N CYS B 234 8.18 16.98 4.19
CA CYS B 234 6.91 17.11 4.92
C CYS B 234 7.09 18.10 6.10
N CYS B 235 6.64 17.76 7.35
CA CYS B 235 6.73 18.76 8.46
C CYS B 235 8.19 19.23 8.69
N GLU B 236 9.13 18.29 8.70
CA GLU B 236 10.50 18.62 9.03
C GLU B 236 11.14 19.58 7.96
N ALA B 237 10.65 19.56 6.72
CA ALA B 237 11.17 20.47 5.68
C ALA B 237 10.68 21.91 5.82
N GLN B 238 9.77 22.19 6.75
CA GLN B 238 9.18 23.53 6.90
C GLN B 238 9.92 24.44 7.90
N GLY B 239 10.79 23.87 8.72
CA GLY B 239 11.66 24.68 9.59
C GLY B 239 10.96 25.40 10.74
N GLY B 240 9.88 24.86 11.29
CA GLY B 240 9.23 25.49 12.44
C GLY B 240 10.16 25.55 13.65
N GLN B 241 9.94 26.53 14.51
CA GLN B 241 10.85 26.78 15.66
C GLN B 241 10.15 26.55 16.99
N GLY B 242 10.46 25.43 17.61
CA GLY B 242 9.98 25.13 18.96
C GLY B 242 8.44 25.01 19.08
N VAL B 243 7.94 25.35 20.26
CA VAL B 243 6.50 25.35 20.55
C VAL B 243 5.83 26.53 19.80
N ASN B 244 5.04 26.21 18.77
CA ASN B 244 4.40 27.18 17.89
C ASN B 244 2.90 26.83 17.70
N ASP B 245 2.17 27.66 16.94
CA ASP B 245 0.72 27.48 16.77
C ASP B 245 0.37 26.10 16.21
N ALA B 246 1.14 25.66 15.19
CA ALA B 246 0.91 24.36 14.53
C ALA B 246 1.05 23.20 15.55
N HIS B 247 1.98 23.34 16.49
CA HIS B 247 2.21 22.31 17.53
C HIS B 247 1.00 22.06 18.43
N THR B 248 0.28 23.10 18.83
CA THR B 248 -0.72 22.93 19.89
C THR B 248 -2.07 22.43 19.40
N THR B 249 -2.33 22.53 18.09
CA THR B 249 -3.68 22.30 17.53
C THR B 249 -3.63 21.25 16.40
N TYR B 250 -4.15 20.06 16.67
CA TYR B 250 -4.17 18.88 15.76
C TYR B 250 -5.65 18.58 15.40
N PHE B 251 -5.94 18.56 14.10
CA PHE B 251 -7.33 18.39 13.58
C PHE B 251 -8.32 19.36 14.28
N GLY B 252 -7.83 20.60 14.46
CA GLY B 252 -8.66 21.66 15.03
C GLY B 252 -8.88 21.58 16.53
N MET B 253 -8.19 20.69 17.22
CA MET B 253 -8.34 20.49 18.69
C MET B 253 -7.04 20.91 19.40
N THR B 254 -7.17 21.92 20.26
CA THR B 254 -6.04 22.43 21.04
C THR B 254 -5.92 21.68 22.41
N SER B 255 -4.68 21.33 22.80
CA SER B 255 -4.39 20.63 24.07
C SER B 255 -5.18 21.24 25.26
N GLY B 256 -6.02 20.42 25.90
CA GLY B 256 -6.75 20.85 27.08
C GLY B 256 -7.86 21.88 26.90
N ALA B 257 -8.26 22.19 25.65
CA ALA B 257 -9.30 23.24 25.43
C ALA B 257 -10.76 22.74 25.62
N CYS B 258 -11.01 21.44 25.49
CA CYS B 258 -12.33 20.82 25.74
C CYS B 258 -13.49 21.44 24.91
N THR B 259 -13.16 21.74 23.65
CA THR B 259 -14.15 22.26 22.67
C THR B 259 -14.91 21.16 21.90
N TRP B 260 -14.35 19.96 21.88
CA TRP B 260 -14.96 18.79 21.26
C TRP B 260 -16.12 18.29 22.16
N VAL B 261 -17.11 17.64 21.55
CA VAL B 261 -18.20 16.96 22.27
C VAL B 261 -18.47 15.61 21.62
#